data_5DZS
#
_entry.id   5DZS
#
_cell.length_a   41.221
_cell.length_b   47.053
_cell.length_c   74.736
_cell.angle_alpha   77.98
_cell.angle_beta   76.44
_cell.angle_gamma   89.09
#
_symmetry.space_group_name_H-M   'P 1'
#
loop_
_entity.id
_entity.type
_entity.pdbx_description
1 polymer 'Shikimate dehydrogenase (NADP(+))'
2 non-polymer 'SULFATE ION'
3 water water
#
_entity_poly.entity_id   1
_entity_poly.type   'polypeptide(L)'
_entity_poly.pdbx_seq_one_letter_code
;MNFFGLVGEKLSHSVSPQIHKRVFEILNIESAYKNFEISKEDISKLDGAIKLLGIQGVNVTVPYKERIMKYLDFISPEAK
RIGAVNTILLRENMLYGYNTDYFGLDSMFKMANIDVQGKVAVILGTGGASKAALTYFIDSGIEKLYVSTRKKDDKKLLNS
KAILIDYEELKHIKGDIILNATPVGMYPNVGISPVSKSIIQNFDILIDLIYNPGETEFLRIGNSMGKKTCDGLYMLVGQA
IKSQEIWQDTKIDNSILDVIYNELKLEFLGENLYFQ
;
_entity_poly.pdbx_strand_id   A,B
#
loop_
_chem_comp.id
_chem_comp.type
_chem_comp.name
_chem_comp.formula
SO4 non-polymer 'SULFATE ION' 'O4 S -2'
#
# COMPACT_ATOMS: atom_id res chain seq x y z
N MET A 1 -5.08 -22.06 0.67
CA MET A 1 -4.00 -21.91 1.68
C MET A 1 -2.88 -21.03 1.17
N ASN A 2 -2.46 -20.06 1.98
CA ASN A 2 -1.31 -19.22 1.68
C ASN A 2 -0.31 -19.27 2.82
N PHE A 3 0.96 -19.10 2.43
CA PHE A 3 2.07 -19.19 3.37
C PHE A 3 2.77 -17.86 3.59
N PHE A 4 3.18 -17.64 4.84
CA PHE A 4 3.86 -16.46 5.32
C PHE A 4 4.92 -16.86 6.32
N GLY A 5 5.82 -15.94 6.65
CA GLY A 5 6.74 -16.20 7.71
C GLY A 5 7.63 -15.07 8.10
N LEU A 6 8.55 -15.36 9.02
CA LEU A 6 9.49 -14.40 9.60
C LEU A 6 10.92 -14.77 9.21
N VAL A 7 11.62 -13.85 8.53
CA VAL A 7 12.99 -14.09 8.11
C VAL A 7 13.96 -13.39 9.06
N GLY A 8 14.89 -14.15 9.60
CA GLY A 8 15.92 -13.60 10.47
C GLY A 8 17.03 -14.62 10.62
N GLU A 9 18.11 -14.25 11.28
CA GLU A 9 19.23 -15.19 11.44
C GLU A 9 19.00 -16.23 12.55
N LYS A 10 18.49 -15.76 13.69
N LYS A 10 18.49 -15.78 13.70
CA LYS A 10 18.19 -16.60 14.85
CA LYS A 10 18.21 -16.63 14.87
C LYS A 10 16.78 -16.25 15.31
C LYS A 10 16.82 -16.29 15.42
N LEU A 11 15.88 -17.23 15.33
CA LEU A 11 14.47 -16.99 15.68
C LEU A 11 13.80 -17.88 16.75
N SER A 12 14.62 -18.52 17.59
N SER A 12 14.62 -18.63 17.47
CA SER A 12 14.09 -19.37 18.65
CA SER A 12 14.14 -19.63 18.45
C SER A 12 13.17 -18.61 19.62
C SER A 12 12.84 -19.33 19.21
N HIS A 13 13.45 -17.32 19.79
N HIS A 13 12.79 -18.27 20.00
CA HIS A 13 12.69 -16.49 20.72
CA HIS A 13 11.57 -18.00 20.77
C HIS A 13 11.46 -15.82 20.10
C HIS A 13 10.74 -16.83 20.28
N SER A 14 11.16 -16.11 18.84
N SER A 14 10.73 -16.58 18.96
CA SER A 14 10.05 -15.42 18.16
CA SER A 14 9.93 -15.45 18.48
C SER A 14 8.65 -15.82 18.62
C SER A 14 8.47 -15.69 18.78
N VAL A 15 7.83 -14.82 18.92
N VAL A 15 7.78 -14.62 19.12
CA VAL A 15 6.42 -15.10 19.22
CA VAL A 15 6.36 -14.70 19.38
C VAL A 15 5.57 -14.69 18.03
C VAL A 15 5.52 -14.38 18.14
N SER A 16 6.18 -14.08 17.01
CA SER A 16 5.43 -13.72 15.80
C SER A 16 4.57 -14.85 15.23
N PRO A 17 5.09 -16.10 15.14
CA PRO A 17 4.24 -17.13 14.63
C PRO A 17 2.92 -17.30 15.42
N GLN A 18 3.01 -17.19 16.74
CA GLN A 18 1.82 -17.29 17.55
C GLN A 18 0.83 -16.16 17.27
N ILE A 19 1.34 -14.93 17.16
CA ILE A 19 0.50 -13.81 16.87
C ILE A 19 -0.24 -13.99 15.56
N HIS A 20 0.48 -14.34 14.50
CA HIS A 20 -0.17 -14.50 13.19
C HIS A 20 -1.16 -15.65 13.16
N LYS A 21 -0.82 -16.75 13.81
N LYS A 21 -0.87 -16.73 13.87
CA LYS A 21 -1.74 -17.87 13.87
CA LYS A 21 -1.81 -17.84 13.94
C LYS A 21 -3.05 -17.39 14.44
C LYS A 21 -3.14 -17.38 14.59
N ARG A 22 -2.97 -16.61 15.52
N ARG A 22 -3.05 -16.56 15.64
CA ARG A 22 -4.15 -16.10 16.21
CA ARG A 22 -4.27 -16.03 16.26
C ARG A 22 -4.95 -15.10 15.34
C ARG A 22 -5.00 -15.12 15.26
N VAL A 23 -4.27 -14.27 14.56
CA VAL A 23 -4.94 -13.39 13.60
C VAL A 23 -5.76 -14.21 12.58
N PHE A 24 -5.12 -15.26 12.04
CA PHE A 24 -5.81 -16.11 11.08
C PHE A 24 -7.04 -16.79 11.69
N GLU A 25 -6.91 -17.21 12.95
N GLU A 25 -6.92 -17.23 12.94
CA GLU A 25 -8.01 -17.86 13.69
CA GLU A 25 -8.05 -17.85 13.62
C GLU A 25 -9.20 -16.91 13.86
C GLU A 25 -9.21 -16.87 13.77
N ILE A 26 -8.91 -15.70 14.33
CA ILE A 26 -9.95 -14.72 14.58
C ILE A 26 -10.67 -14.30 13.32
N LEU A 27 -9.91 -14.11 12.25
CA LEU A 27 -10.44 -13.68 10.96
C LEU A 27 -10.92 -14.82 10.05
N ASN A 28 -10.79 -16.07 10.50
N ASN A 28 -10.74 -16.06 10.52
CA ASN A 28 -11.20 -17.20 9.67
CA ASN A 28 -11.10 -17.31 9.81
C ASN A 28 -10.53 -17.19 8.31
C ASN A 28 -10.48 -17.46 8.42
N ILE A 29 -9.20 -17.06 8.32
CA ILE A 29 -8.42 -17.08 7.09
C ILE A 29 -7.61 -18.35 7.01
N GLU A 30 -7.66 -18.98 5.85
N GLU A 30 -7.68 -19.04 5.87
CA GLU A 30 -6.87 -20.18 5.57
CA GLU A 30 -6.90 -20.28 5.68
C GLU A 30 -5.46 -19.79 5.16
C GLU A 30 -5.47 -20.00 5.22
N SER A 31 -4.63 -19.57 6.17
CA SER A 31 -3.24 -19.24 5.93
C SER A 31 -2.41 -19.77 7.09
N ALA A 32 -1.09 -19.74 6.91
CA ALA A 32 -0.16 -20.23 7.92
C ALA A 32 1.14 -19.46 7.92
N TYR A 33 1.80 -19.38 9.08
CA TYR A 33 2.99 -18.55 9.28
C TYR A 33 4.04 -19.32 10.07
N LYS A 34 5.29 -19.34 9.62
N LYS A 34 5.29 -19.33 9.57
CA LYS A 34 6.31 -19.99 10.44
CA LYS A 34 6.36 -20.04 10.25
C LYS A 34 7.60 -19.16 10.39
C LYS A 34 7.69 -19.29 10.19
N ASN A 35 8.59 -19.63 11.12
CA ASN A 35 9.91 -19.04 11.09
C ASN A 35 10.68 -19.50 9.88
N PHE A 36 11.41 -18.57 9.26
CA PHE A 36 12.37 -18.83 8.19
C PHE A 36 13.77 -18.39 8.63
N GLU A 37 14.47 -19.22 9.41
CA GLU A 37 15.83 -18.90 9.79
C GLU A 37 16.70 -19.01 8.56
N ILE A 38 17.48 -17.98 8.26
CA ILE A 38 18.34 -17.93 7.08
C ILE A 38 19.68 -17.36 7.45
N SER A 39 20.75 -18.03 7.01
CA SER A 39 22.11 -17.56 7.30
C SER A 39 22.50 -16.32 6.51
N LYS A 40 23.51 -15.60 7.00
CA LYS A 40 23.94 -14.41 6.32
C LYS A 40 24.40 -14.67 4.90
N GLU A 41 25.06 -15.79 4.68
N GLU A 41 25.06 -15.79 4.68
CA GLU A 41 25.56 -16.15 3.36
CA GLU A 41 25.54 -16.16 3.36
C GLU A 41 24.46 -16.60 2.39
C GLU A 41 24.39 -16.41 2.38
N ASP A 42 23.25 -16.85 2.90
CA ASP A 42 22.13 -17.24 2.07
C ASP A 42 21.06 -16.17 1.84
N ILE A 43 21.15 -15.02 2.48
CA ILE A 43 20.07 -14.02 2.38
C ILE A 43 19.83 -13.54 0.92
N SER A 44 20.85 -13.60 0.06
CA SER A 44 20.71 -13.20 -1.35
C SER A 44 19.82 -14.14 -2.14
N LYS A 45 19.53 -15.32 -1.58
CA LYS A 45 18.69 -16.32 -2.23
C LYS A 45 17.22 -16.16 -1.84
N LEU A 46 16.91 -15.34 -0.84
CA LEU A 46 15.52 -15.23 -0.41
C LEU A 46 14.54 -14.79 -1.48
N ASP A 47 14.87 -13.73 -2.23
CA ASP A 47 13.88 -13.20 -3.16
C ASP A 47 13.46 -14.25 -4.19
N GLY A 48 14.42 -15.00 -4.71
CA GLY A 48 14.09 -16.04 -5.66
C GLY A 48 13.22 -17.13 -5.09
N ALA A 49 13.48 -17.52 -3.86
CA ALA A 49 12.72 -18.58 -3.22
C ALA A 49 11.30 -18.15 -2.92
N ILE A 50 11.10 -16.91 -2.45
CA ILE A 50 9.76 -16.40 -2.18
C ILE A 50 8.94 -16.44 -3.45
N LYS A 51 9.53 -15.92 -4.54
N LYS A 51 9.53 -15.95 -4.55
CA LYS A 51 8.82 -15.91 -5.80
CA LYS A 51 8.85 -15.92 -5.85
C LYS A 51 8.52 -17.31 -6.26
C LYS A 51 8.55 -17.30 -6.39
N LEU A 52 9.52 -18.18 -6.24
CA LEU A 52 9.35 -19.55 -6.79
C LEU A 52 8.25 -20.30 -6.11
N LEU A 53 8.25 -20.24 -4.79
CA LEU A 53 7.30 -20.99 -3.98
C LEU A 53 6.01 -20.24 -3.68
N GLY A 54 5.86 -19.02 -4.19
CA GLY A 54 4.61 -18.30 -3.97
C GLY A 54 4.32 -17.98 -2.53
N ILE A 55 5.33 -17.61 -1.78
CA ILE A 55 5.17 -17.20 -0.40
C ILE A 55 4.59 -15.77 -0.42
N GLN A 56 3.37 -15.59 0.07
CA GLN A 56 2.66 -14.31 -0.14
C GLN A 56 3.25 -13.14 0.59
N GLY A 57 3.82 -13.39 1.74
CA GLY A 57 4.42 -12.31 2.49
C GLY A 57 5.38 -12.80 3.54
N VAL A 58 6.41 -11.99 3.80
CA VAL A 58 7.28 -12.28 4.94
C VAL A 58 7.60 -11.05 5.72
N ASN A 59 7.78 -11.23 7.01
CA ASN A 59 8.39 -10.20 7.82
C ASN A 59 9.91 -10.41 7.78
N VAL A 60 10.67 -9.36 8.08
CA VAL A 60 12.12 -9.41 8.12
C VAL A 60 12.54 -8.76 9.43
N THR A 61 13.41 -9.46 10.15
CA THR A 61 13.95 -8.95 11.39
C THR A 61 15.46 -8.89 11.32
N VAL A 62 16.09 -8.58 12.44
N VAL A 62 16.07 -8.79 12.50
CA VAL A 62 17.54 -8.45 12.47
CA VAL A 62 17.52 -8.72 12.64
C VAL A 62 18.21 -9.74 12.02
C VAL A 62 18.26 -9.91 12.03
N PRO A 63 19.37 -9.64 11.33
CA PRO A 63 20.04 -8.39 10.99
C PRO A 63 19.84 -7.98 9.52
N TYR A 64 18.66 -8.26 8.98
CA TYR A 64 18.44 -8.15 7.53
C TYR A 64 17.54 -7.03 7.04
N LYS A 65 17.03 -6.18 7.93
CA LYS A 65 16.08 -5.16 7.50
C LYS A 65 16.62 -4.17 6.51
N GLU A 66 17.91 -3.83 6.60
CA GLU A 66 18.51 -2.91 5.63
C GLU A 66 18.97 -3.65 4.37
N ARG A 67 19.68 -4.74 4.59
CA ARG A 67 20.28 -5.53 3.52
C ARG A 67 19.30 -6.10 2.51
N ILE A 68 18.10 -6.42 2.96
CA ILE A 68 17.14 -7.02 2.06
C ILE A 68 16.58 -6.05 1.01
N MET A 69 16.64 -4.74 1.30
CA MET A 69 15.99 -3.73 0.43
C MET A 69 16.47 -3.80 -1.00
N LYS A 70 17.78 -4.09 -1.15
N LYS A 70 17.77 -3.97 -1.24
CA LYS A 70 18.48 -4.17 -2.45
CA LYS A 70 18.21 -3.95 -2.62
C LYS A 70 18.04 -5.29 -3.38
C LYS A 70 17.74 -5.11 -3.50
N TYR A 71 17.23 -6.19 -2.87
CA TYR A 71 16.73 -7.35 -3.61
C TYR A 71 15.26 -7.21 -4.02
N LEU A 72 14.61 -6.13 -3.62
CA LEU A 72 13.18 -5.97 -3.87
C LEU A 72 12.91 -5.14 -5.10
N ASP A 73 11.70 -5.26 -5.64
CA ASP A 73 11.30 -4.53 -6.83
C ASP A 73 10.75 -3.14 -6.58
N PHE A 74 10.23 -2.88 -5.38
CA PHE A 74 9.63 -1.57 -5.05
C PHE A 74 9.78 -1.35 -3.57
N ILE A 75 10.22 -0.17 -3.20
CA ILE A 75 10.36 0.24 -1.82
C ILE A 75 9.33 1.36 -1.57
N SER A 76 8.43 1.13 -0.62
N SER A 76 8.39 1.11 -0.67
CA SER A 76 7.44 2.14 -0.26
CA SER A 76 7.35 2.07 -0.33
C SER A 76 8.08 3.41 0.26
C SER A 76 7.96 3.32 0.34
N PRO A 77 7.34 4.52 0.19
CA PRO A 77 7.87 5.77 0.70
C PRO A 77 8.36 5.73 2.15
N GLU A 78 7.61 5.09 3.06
N GLU A 78 7.58 5.04 3.00
CA GLU A 78 8.04 5.06 4.47
CA GLU A 78 7.86 4.88 4.43
C GLU A 78 9.26 4.15 4.66
C GLU A 78 9.18 4.15 4.65
N ALA A 79 9.35 3.04 3.93
CA ALA A 79 10.54 2.22 4.03
C ALA A 79 11.73 2.97 3.51
N LYS A 80 11.55 3.74 2.42
CA LYS A 80 12.65 4.51 1.87
C LYS A 80 13.09 5.59 2.88
N ARG A 81 12.14 6.27 3.50
N ARG A 81 12.13 6.28 3.50
CA ARG A 81 12.50 7.33 4.45
CA ARG A 81 12.39 7.38 4.48
C ARG A 81 13.20 6.79 5.68
C ARG A 81 13.01 6.93 5.80
N ILE A 82 12.60 5.77 6.29
CA ILE A 82 13.09 5.17 7.53
C ILE A 82 14.44 4.52 7.22
N GLY A 83 14.54 3.89 6.04
CA GLY A 83 15.72 3.24 5.54
C GLY A 83 15.82 1.75 5.94
N ALA A 84 14.68 1.08 6.05
CA ALA A 84 14.67 -0.33 6.44
C ALA A 84 13.33 -0.93 6.03
N VAL A 85 13.33 -2.23 5.75
CA VAL A 85 12.12 -2.98 5.40
C VAL A 85 11.88 -4.09 6.42
N ASN A 86 10.66 -4.19 6.94
CA ASN A 86 10.32 -5.30 7.85
C ASN A 86 9.13 -6.11 7.36
N THR A 87 8.56 -5.78 6.20
CA THR A 87 7.39 -6.45 5.64
C THR A 87 7.53 -6.47 4.13
N ILE A 88 7.50 -7.67 3.57
CA ILE A 88 7.58 -7.86 2.12
C ILE A 88 6.29 -8.51 1.64
N LEU A 89 5.76 -8.00 0.53
CA LEU A 89 4.59 -8.55 -0.13
C LEU A 89 4.98 -9.08 -1.52
N LEU A 90 4.51 -10.27 -1.86
CA LEU A 90 4.64 -10.82 -3.20
C LEU A 90 3.34 -10.59 -3.94
N ARG A 91 3.43 -9.97 -5.11
CA ARG A 91 2.26 -9.76 -5.95
C ARG A 91 2.69 -9.81 -7.40
N GLU A 92 2.10 -10.73 -8.16
CA GLU A 92 2.43 -10.90 -9.57
C GLU A 92 3.91 -10.96 -9.83
N ASN A 93 4.58 -11.82 -9.03
CA ASN A 93 5.98 -12.12 -9.18
C ASN A 93 6.95 -10.98 -8.89
N MET A 94 6.44 -9.96 -8.20
N MET A 94 6.44 -9.95 -8.19
CA MET A 94 7.22 -8.79 -7.79
CA MET A 94 7.23 -8.81 -7.80
C MET A 94 7.17 -8.65 -6.28
C MET A 94 7.18 -8.66 -6.28
N LEU A 95 8.27 -8.18 -5.71
CA LEU A 95 8.38 -8.00 -4.27
C LEU A 95 8.36 -6.53 -3.88
N TYR A 96 7.45 -6.22 -2.94
CA TYR A 96 7.22 -4.87 -2.46
C TYR A 96 7.67 -4.77 -1.01
N GLY A 97 8.45 -3.75 -0.69
CA GLY A 97 8.95 -3.59 0.66
C GLY A 97 8.29 -2.45 1.42
N TYR A 98 7.89 -2.76 2.64
CA TYR A 98 7.19 -1.85 3.55
C TYR A 98 7.84 -1.84 4.92
N ASN A 99 7.56 -0.79 5.68
CA ASN A 99 8.03 -0.72 7.06
C ASN A 99 6.87 -0.42 7.98
N THR A 100 6.64 -1.31 8.93
CA THR A 100 5.56 -1.10 9.87
C THR A 100 6.16 -0.71 11.23
N ASP A 101 7.49 -0.65 11.37
CA ASP A 101 8.11 -0.28 12.68
C ASP A 101 7.57 1.05 13.21
N TYR A 102 7.58 2.06 12.33
CA TYR A 102 7.09 3.38 12.68
C TYR A 102 5.66 3.32 13.20
N PHE A 103 4.78 2.67 12.46
CA PHE A 103 3.40 2.50 12.85
C PHE A 103 3.28 1.83 14.23
N GLY A 104 4.04 0.76 14.44
CA GLY A 104 4.01 0.02 15.71
C GLY A 104 4.48 0.87 16.88
N LEU A 105 5.50 1.68 16.64
CA LEU A 105 6.03 2.57 17.68
C LEU A 105 4.99 3.60 18.07
N ASP A 106 4.46 4.28 17.06
CA ASP A 106 3.43 5.32 17.25
C ASP A 106 2.29 4.72 18.04
N SER A 107 1.89 3.50 17.69
CA SER A 107 0.80 2.80 18.34
C SER A 107 1.12 2.54 19.84
N MET A 108 2.33 2.06 20.08
N MET A 108 2.32 2.07 20.11
CA MET A 108 2.87 1.73 21.43
CA MET A 108 2.67 1.78 21.48
C MET A 108 2.95 2.95 22.36
C MET A 108 2.77 3.04 22.34
N PHE A 109 3.49 4.05 21.85
CA PHE A 109 3.64 5.30 22.63
C PHE A 109 2.27 5.84 23.03
N LYS A 110 1.30 5.78 22.13
CA LYS A 110 -0.04 6.26 22.44
C LYS A 110 -0.70 5.37 23.49
N MET A 111 -0.58 4.05 23.34
CA MET A 111 -1.13 3.13 24.30
C MET A 111 -0.54 3.35 25.71
N ALA A 112 0.78 3.56 25.77
CA ALA A 112 1.47 3.76 27.06
C ALA A 112 1.42 5.20 27.57
N ASN A 113 0.73 6.08 26.85
CA ASN A 113 0.65 7.49 27.24
C ASN A 113 2.03 8.13 27.47
N ILE A 114 2.96 7.83 26.57
CA ILE A 114 4.28 8.43 26.61
C ILE A 114 4.29 9.53 25.54
N ASP A 115 4.34 10.80 25.96
CA ASP A 115 4.38 11.89 24.98
C ASP A 115 5.82 12.40 24.96
N VAL A 116 6.39 12.52 23.77
CA VAL A 116 7.80 12.90 23.61
C VAL A 116 8.06 14.35 23.24
N GLN A 117 7.00 15.12 23.00
N GLN A 117 6.99 15.13 23.03
CA GLN A 117 7.15 16.52 22.61
CA GLN A 117 7.11 16.54 22.67
C GLN A 117 7.96 17.31 23.64
C GLN A 117 7.98 17.30 23.66
N GLY A 118 9.05 17.93 23.17
CA GLY A 118 9.94 18.73 24.03
C GLY A 118 10.82 17.95 25.00
N LYS A 119 10.89 16.62 24.83
CA LYS A 119 11.66 15.78 25.75
C LYS A 119 13.06 15.47 25.21
N VAL A 120 13.87 14.84 26.05
CA VAL A 120 15.21 14.42 25.71
C VAL A 120 15.21 12.89 25.64
N ALA A 121 15.70 12.34 24.54
CA ALA A 121 15.72 10.89 24.35
C ALA A 121 17.04 10.38 23.81
N VAL A 122 17.39 9.18 24.25
CA VAL A 122 18.56 8.44 23.79
C VAL A 122 18.09 7.11 23.19
N ILE A 123 18.56 6.80 21.98
CA ILE A 123 18.31 5.53 21.34
C ILE A 123 19.62 4.74 21.40
N LEU A 124 19.57 3.54 21.94
CA LEU A 124 20.73 2.65 21.95
C LEU A 124 20.74 1.81 20.67
N GLY A 125 21.79 1.95 19.85
CA GLY A 125 21.95 1.17 18.60
C GLY A 125 21.70 1.93 17.31
N THR A 126 22.22 1.40 16.20
CA THR A 126 22.08 2.04 14.88
C THR A 126 21.43 1.25 13.71
N GLY A 127 20.62 0.24 13.99
CA GLY A 127 19.94 -0.53 12.92
C GLY A 127 18.66 0.09 12.35
N GLY A 128 17.83 -0.73 11.72
CA GLY A 128 16.54 -0.25 11.15
C GLY A 128 15.55 0.23 12.19
N ALA A 129 15.52 -0.43 13.34
CA ALA A 129 14.62 -0.05 14.44
C ALA A 129 15.06 1.30 14.99
N SER A 130 16.37 1.47 15.12
CA SER A 130 16.91 2.73 15.57
C SER A 130 16.44 3.80 14.61
N LYS A 131 16.45 3.46 13.32
CA LYS A 131 16.01 4.38 12.30
C LYS A 131 14.52 4.70 12.42
N ALA A 132 13.70 3.68 12.65
CA ALA A 132 12.26 3.91 12.81
C ALA A 132 12.01 4.79 14.05
N ALA A 133 12.66 4.43 15.16
CA ALA A 133 12.54 5.21 16.41
C ALA A 133 13.04 6.62 16.20
N LEU A 134 14.16 6.77 15.49
CA LEU A 134 14.71 8.09 15.24
C LEU A 134 13.73 8.91 14.45
N THR A 135 13.15 8.30 13.42
CA THR A 135 12.17 8.98 12.58
C THR A 135 10.96 9.41 13.42
N TYR A 136 10.47 8.50 14.24
CA TYR A 136 9.31 8.78 15.08
C TYR A 136 9.58 9.91 16.10
N PHE A 137 10.70 9.83 16.82
N PHE A 137 10.69 9.84 16.81
CA PHE A 137 11.06 10.87 17.79
CA PHE A 137 11.01 10.88 17.79
C PHE A 137 11.12 12.26 17.15
C PHE A 137 11.12 12.27 17.15
N ILE A 138 11.81 12.36 16.02
CA ILE A 138 11.96 13.62 15.28
C ILE A 138 10.59 14.17 14.84
N ASP A 139 9.80 13.35 14.18
CA ASP A 139 8.45 13.76 13.73
C ASP A 139 7.56 14.18 14.89
N SER A 140 7.78 13.59 16.07
CA SER A 140 6.94 13.86 17.24
C SER A 140 7.40 15.04 18.11
N GLY A 141 8.32 15.85 17.60
CA GLY A 141 8.77 17.04 18.33
C GLY A 141 9.75 16.85 19.48
N ILE A 142 10.60 15.83 19.37
CA ILE A 142 11.62 15.59 20.39
C ILE A 142 12.56 16.81 20.45
N GLU A 143 12.98 17.20 21.65
CA GLU A 143 13.85 18.36 21.80
C GLU A 143 15.29 18.00 21.46
N LYS A 144 15.82 17.00 22.16
CA LYS A 144 17.19 16.58 21.97
C LYS A 144 17.19 15.07 21.78
N LEU A 145 17.76 14.60 20.69
CA LEU A 145 17.82 13.17 20.42
C LEU A 145 19.25 12.74 20.23
N TYR A 146 19.65 11.74 21.00
CA TYR A 146 20.96 11.15 20.91
C TYR A 146 20.79 9.71 20.45
N VAL A 147 21.79 9.22 19.72
CA VAL A 147 21.85 7.85 19.26
C VAL A 147 23.22 7.36 19.70
N SER A 148 23.25 6.31 20.51
CA SER A 148 24.50 5.80 21.07
C SER A 148 24.94 4.48 20.45
N THR A 149 26.23 4.42 20.13
CA THR A 149 26.88 3.26 19.54
C THR A 149 28.24 3.11 20.20
N ARG A 150 28.72 1.87 20.36
CA ARG A 150 30.03 1.68 20.99
C ARG A 150 31.14 2.04 20.00
N LYS A 151 30.89 1.77 18.71
CA LYS A 151 31.83 2.11 17.65
C LYS A 151 31.30 3.30 16.86
N LYS A 152 31.89 4.47 17.09
CA LYS A 152 31.48 5.70 16.43
C LYS A 152 32.46 6.07 15.31
N SER A 160 18.31 12.89 11.54
CA SER A 160 18.24 14.22 10.96
C SER A 160 19.12 15.18 11.76
N LYS A 161 18.63 15.54 12.95
CA LYS A 161 19.37 16.41 13.87
C LYS A 161 19.81 15.59 15.09
N ALA A 162 19.84 14.27 14.93
CA ALA A 162 20.22 13.37 16.01
C ALA A 162 21.71 13.52 16.29
N ILE A 163 22.07 13.53 17.57
CA ILE A 163 23.46 13.67 17.97
C ILE A 163 24.03 12.28 18.21
N LEU A 164 25.09 11.94 17.49
CA LEU A 164 25.72 10.65 17.64
C LEU A 164 26.70 10.72 18.82
N ILE A 165 26.60 9.74 19.73
CA ILE A 165 27.48 9.66 20.90
C ILE A 165 27.96 8.22 21.14
N ASP A 166 29.05 8.05 21.87
CA ASP A 166 29.51 6.70 22.21
C ASP A 166 29.06 6.41 23.64
N TYR A 167 29.30 5.19 24.12
CA TYR A 167 28.84 4.81 25.46
C TYR A 167 29.57 5.57 26.59
N GLU A 168 30.74 6.12 26.29
CA GLU A 168 31.45 6.94 27.26
C GLU A 168 30.71 8.26 27.48
N GLU A 169 30.33 8.91 26.38
CA GLU A 169 29.62 10.19 26.45
C GLU A 169 28.25 10.01 27.08
N LEU A 170 27.67 8.83 26.89
CA LEU A 170 26.37 8.50 27.43
C LEU A 170 26.35 8.53 28.95
N LYS A 171 27.52 8.29 29.56
CA LYS A 171 27.63 8.28 31.02
C LYS A 171 27.24 9.61 31.67
N HIS A 172 27.34 10.70 30.91
CA HIS A 172 27.04 12.02 31.45
C HIS A 172 25.70 12.60 30.97
N ILE A 173 24.93 11.82 30.20
CA ILE A 173 23.67 12.30 29.67
C ILE A 173 22.47 12.01 30.58
N LYS A 174 21.70 13.06 30.84
CA LYS A 174 20.48 12.96 31.62
C LYS A 174 19.35 13.20 30.64
N GLY A 175 18.32 12.36 30.67
CA GLY A 175 17.21 12.50 29.74
C GLY A 175 15.92 11.93 30.26
N ASP A 176 14.86 12.07 29.46
CA ASP A 176 13.55 11.56 29.84
C ASP A 176 13.38 10.12 29.43
N ILE A 177 13.75 9.81 28.19
CA ILE A 177 13.56 8.47 27.61
C ILE A 177 14.83 7.83 27.11
N ILE A 178 14.99 6.53 27.42
CA ILE A 178 16.07 5.73 26.85
C ILE A 178 15.39 4.52 26.20
N LEU A 179 15.69 4.32 24.92
CA LEU A 179 15.05 3.28 24.12
C LEU A 179 16.10 2.33 23.59
N ASN A 180 15.90 1.04 23.85
CA ASN A 180 16.84 0.03 23.36
C ASN A 180 16.46 -0.49 21.99
N ALA A 181 17.30 -0.18 21.01
CA ALA A 181 17.15 -0.65 19.63
C ALA A 181 18.28 -1.62 19.26
N THR A 182 18.98 -2.14 20.25
CA THR A 182 20.06 -3.11 20.01
C THR A 182 19.45 -4.49 20.18
N PRO A 183 20.15 -5.52 19.67
CA PRO A 183 19.66 -6.87 19.90
C PRO A 183 20.11 -7.43 21.26
N VAL A 184 20.73 -6.59 22.10
CA VAL A 184 21.20 -7.04 23.41
C VAL A 184 19.98 -7.27 24.29
N GLY A 185 19.85 -8.48 24.84
CA GLY A 185 18.72 -8.79 25.70
C GLY A 185 17.87 -9.98 25.27
N MET A 186 18.00 -10.41 24.01
CA MET A 186 17.22 -11.57 23.53
C MET A 186 18.06 -12.85 23.46
N TYR A 187 17.37 -13.98 23.29
CA TYR A 187 17.94 -15.35 23.27
C TYR A 187 19.46 -15.50 23.49
N PRO A 188 20.31 -15.15 22.47
CA PRO A 188 21.76 -15.32 22.66
C PRO A 188 22.22 -15.13 24.12
N ASN A 189 21.97 -13.94 24.68
CA ASN A 189 22.33 -13.62 26.05
C ASN A 189 21.20 -12.80 26.70
N VAL A 190 20.21 -13.52 27.21
CA VAL A 190 19.02 -12.89 27.80
C VAL A 190 19.19 -12.26 29.18
N GLY A 191 20.32 -12.48 29.85
CA GLY A 191 20.54 -11.90 31.17
C GLY A 191 21.43 -10.67 31.14
N ILE A 192 21.55 -10.03 29.98
CA ILE A 192 22.44 -8.87 29.83
C ILE A 192 21.73 -7.63 29.28
N SER A 193 22.03 -6.48 29.88
CA SER A 193 21.49 -5.19 29.48
C SER A 193 22.53 -4.44 28.65
N PRO A 194 22.08 -3.67 27.63
CA PRO A 194 23.04 -2.91 26.81
C PRO A 194 23.74 -1.78 27.55
N VAL A 195 23.14 -1.30 28.64
CA VAL A 195 23.68 -0.22 29.44
C VAL A 195 23.64 -0.58 30.92
N SER A 196 24.54 0.03 31.68
CA SER A 196 24.66 -0.22 33.10
C SER A 196 23.55 0.46 33.89
N LYS A 197 23.42 0.02 35.14
CA LYS A 197 22.47 0.55 36.09
C LYS A 197 22.71 2.06 36.29
N SER A 198 23.98 2.47 36.20
CA SER A 198 24.37 3.87 36.37
C SER A 198 23.79 4.79 35.31
N ILE A 199 23.66 4.27 34.09
CA ILE A 199 23.10 5.03 32.97
C ILE A 199 21.57 5.06 33.09
N ILE A 200 21.00 3.90 33.38
CA ILE A 200 19.54 3.77 33.52
C ILE A 200 18.98 4.73 34.58
N GLN A 201 19.72 4.95 35.65
CA GLN A 201 19.26 5.83 36.71
C GLN A 201 19.03 7.27 36.21
N ASN A 202 19.69 7.62 35.11
CA ASN A 202 19.60 8.98 34.55
C ASN A 202 18.40 9.27 33.66
N PHE A 203 17.52 8.28 33.49
CA PHE A 203 16.33 8.44 32.65
C PHE A 203 15.07 8.10 33.44
N ASP A 204 13.94 8.65 33.01
CA ASP A 204 12.66 8.43 33.69
C ASP A 204 11.85 7.29 33.10
N ILE A 205 12.03 7.05 31.81
CA ILE A 205 11.26 6.05 31.08
C ILE A 205 12.18 5.18 30.22
N LEU A 206 12.00 3.86 30.31
CA LEU A 206 12.74 2.92 29.47
C LEU A 206 11.79 2.27 28.50
N ILE A 207 12.21 2.17 27.24
CA ILE A 207 11.43 1.48 26.22
C ILE A 207 12.35 0.45 25.59
N ASP A 208 11.91 -0.80 25.62
CA ASP A 208 12.70 -1.88 25.04
C ASP A 208 11.90 -2.49 23.91
N LEU A 209 12.47 -2.49 22.72
CA LEU A 209 11.78 -3.05 21.57
C LEU A 209 11.81 -4.57 21.59
N ILE A 210 12.73 -5.13 22.36
CA ILE A 210 12.84 -6.57 22.49
C ILE A 210 11.65 -7.09 23.29
N TYR A 211 11.21 -8.30 22.93
CA TYR A 211 10.19 -8.95 23.70
C TYR A 211 10.46 -10.45 23.80
N ASN A 212 10.60 -10.90 25.04
N ASN A 212 10.67 -10.92 25.03
CA ASN A 212 10.78 -12.29 25.38
CA ASN A 212 10.90 -12.32 25.32
C ASN A 212 9.87 -12.54 26.59
C ASN A 212 9.82 -12.78 26.28
N PRO A 213 8.91 -13.45 26.44
N PRO A 213 9.54 -14.10 26.33
CA PRO A 213 8.00 -13.71 27.54
CA PRO A 213 8.54 -14.60 27.25
C PRO A 213 8.57 -13.25 28.88
C PRO A 213 8.74 -14.04 28.66
N GLY A 214 9.82 -13.60 29.15
N GLY A 214 9.99 -13.70 28.98
CA GLY A 214 10.47 -13.19 30.39
CA GLY A 214 10.33 -13.14 30.29
C GLY A 214 11.10 -11.81 30.26
C GLY A 214 10.94 -11.76 30.15
N GLU A 215 10.72 -10.91 31.17
CA GLU A 215 11.23 -9.53 31.18
C GLU A 215 12.74 -9.41 30.92
N THR A 216 13.15 -8.40 30.14
CA THR A 216 14.56 -8.21 29.84
C THR A 216 15.28 -7.62 31.05
N GLU A 217 16.60 -7.80 31.09
CA GLU A 217 17.41 -7.29 32.19
C GLU A 217 17.36 -5.76 32.20
N PHE A 218 17.32 -5.16 31.02
CA PHE A 218 17.22 -3.71 30.85
C PHE A 218 16.00 -3.18 31.60
N LEU A 219 14.83 -3.79 31.34
CA LEU A 219 13.61 -3.33 32.00
C LEU A 219 13.55 -3.76 33.46
N ARG A 220 14.15 -4.91 33.78
CA ARG A 220 14.14 -5.37 35.18
C ARG A 220 14.87 -4.34 36.04
N ILE A 221 15.99 -3.83 35.52
CA ILE A 221 16.78 -2.83 36.24
C ILE A 221 15.98 -1.53 36.37
N GLY A 222 15.29 -1.14 35.30
CA GLY A 222 14.48 0.08 35.32
C GLY A 222 13.37 -0.03 36.36
N ASN A 223 12.73 -1.18 36.42
CA ASN A 223 11.65 -1.41 37.37
C ASN A 223 12.13 -1.45 38.80
N SER A 224 13.36 -1.93 39.01
CA SER A 224 13.91 -2.01 40.35
C SER A 224 14.07 -0.60 40.93
N MET A 225 14.23 0.38 40.04
CA MET A 225 14.40 1.79 40.41
C MET A 225 13.12 2.62 40.37
N GLY A 226 11.99 1.97 40.10
CA GLY A 226 10.71 2.69 40.02
C GLY A 226 10.51 3.49 38.74
N LYS A 227 11.32 3.20 37.71
CA LYS A 227 11.20 3.90 36.43
C LYS A 227 10.02 3.33 35.68
N LYS A 228 9.47 4.12 34.77
CA LYS A 228 8.39 3.65 33.93
C LYS A 228 9.03 2.78 32.85
N THR A 229 8.46 1.62 32.61
CA THR A 229 8.97 0.70 31.61
C THR A 229 7.92 0.28 30.63
N CYS A 230 8.35 0.00 29.41
CA CYS A 230 7.46 -0.44 28.37
C CYS A 230 8.22 -1.44 27.52
N ASP A 231 7.69 -2.66 27.40
CA ASP A 231 8.33 -3.69 26.58
C ASP A 231 7.82 -3.63 25.14
N GLY A 232 8.34 -4.51 24.30
CA GLY A 232 8.02 -4.44 22.88
C GLY A 232 6.80 -5.18 22.40
N LEU A 233 6.04 -5.78 23.31
CA LEU A 233 4.90 -6.62 22.87
C LEU A 233 3.80 -5.90 22.10
N TYR A 234 3.36 -4.74 22.57
CA TYR A 234 2.30 -4.04 21.89
C TYR A 234 2.72 -3.69 20.46
N MET A 235 3.96 -3.25 20.30
CA MET A 235 4.47 -2.92 18.98
C MET A 235 4.51 -4.14 18.09
N LEU A 236 4.91 -5.28 18.66
N LEU A 236 4.96 -5.29 18.63
CA LEU A 236 5.00 -6.52 17.91
CA LEU A 236 4.99 -6.52 17.84
C LEU A 236 3.62 -7.02 17.42
C LEU A 236 3.57 -6.85 17.34
N VAL A 237 2.58 -6.81 18.22
CA VAL A 237 1.24 -7.17 17.80
C VAL A 237 0.75 -6.19 16.73
N GLY A 238 0.96 -4.89 16.98
CA GLY A 238 0.53 -3.87 16.03
C GLY A 238 1.15 -4.04 14.67
N GLN A 239 2.43 -4.36 14.64
N GLN A 239 2.44 -4.33 14.63
CA GLN A 239 3.10 -4.57 13.35
CA GLN A 239 3.15 -4.51 13.36
C GLN A 239 2.56 -5.78 12.63
C GLN A 239 2.66 -5.80 12.63
N ALA A 240 2.28 -6.83 13.38
CA ALA A 240 1.70 -8.01 12.81
C ALA A 240 0.36 -7.70 12.12
N ILE A 241 -0.49 -6.92 12.76
N ILE A 241 -0.47 -6.91 12.80
CA ILE A 241 -1.80 -6.61 12.15
CA ILE A 241 -1.78 -6.49 12.27
C ILE A 241 -1.66 -5.68 10.94
C ILE A 241 -1.62 -5.71 10.96
N LYS A 242 -0.72 -4.74 11.00
N LYS A 242 -0.78 -4.68 10.97
CA LYS A 242 -0.49 -3.86 9.86
CA LYS A 242 -0.51 -3.88 9.78
C LYS A 242 0.08 -4.68 8.69
C LYS A 242 0.03 -4.75 8.65
N SER A 243 0.95 -5.67 8.98
CA SER A 243 1.48 -6.57 7.95
C SER A 243 0.33 -7.35 7.30
N GLN A 244 -0.59 -7.84 8.13
CA GLN A 244 -1.75 -8.58 7.62
C GLN A 244 -2.66 -7.70 6.76
N GLU A 245 -2.82 -6.43 7.11
CA GLU A 245 -3.62 -5.54 6.26
C GLU A 245 -3.00 -5.43 4.89
N ILE A 246 -1.69 -5.26 4.85
CA ILE A 246 -0.96 -5.19 3.59
C ILE A 246 -1.07 -6.48 2.78
N TRP A 247 -0.87 -7.60 3.46
CA TRP A 247 -0.88 -8.89 2.75
C TRP A 247 -2.26 -9.29 2.26
N GLN A 248 -3.27 -9.04 3.11
N GLN A 248 -3.30 -9.03 3.06
CA GLN A 248 -4.69 -9.36 2.80
CA GLN A 248 -4.67 -9.37 2.63
C GLN A 248 -5.39 -8.23 1.99
C GLN A 248 -5.29 -8.28 1.75
N ASP A 249 -4.72 -7.09 1.84
CA ASP A 249 -5.25 -5.89 1.15
C ASP A 249 -6.67 -5.63 1.64
N THR A 250 -6.78 -5.53 2.96
CA THR A 250 -8.06 -5.27 3.57
C THR A 250 -7.87 -4.67 4.95
N LYS A 251 -8.81 -3.83 5.36
CA LYS A 251 -8.80 -3.22 6.69
C LYS A 251 -9.07 -4.31 7.75
N ILE A 252 -8.31 -4.27 8.83
CA ILE A 252 -8.50 -5.18 9.94
C ILE A 252 -8.92 -4.34 11.14
N ASP A 253 -10.02 -4.75 11.77
CA ASP A 253 -10.57 -4.04 12.94
C ASP A 253 -9.53 -3.92 14.03
N ASN A 254 -9.37 -2.71 14.57
CA ASN A 254 -8.36 -2.43 15.60
C ASN A 254 -8.60 -3.18 16.90
N SER A 255 -9.79 -3.71 17.09
CA SER A 255 -10.09 -4.47 18.28
C SER A 255 -9.22 -5.71 18.37
N ILE A 256 -8.78 -6.22 17.22
CA ILE A 256 -7.96 -7.45 17.22
C ILE A 256 -6.62 -7.23 17.90
N LEU A 257 -6.04 -6.03 17.75
CA LEU A 257 -4.81 -5.72 18.44
C LEU A 257 -4.96 -5.89 19.97
N ASP A 258 -6.00 -5.30 20.56
N ASP A 258 -6.05 -5.30 20.48
CA ASP A 258 -6.18 -5.42 22.00
CA ASP A 258 -6.43 -5.34 21.90
C ASP A 258 -6.52 -6.85 22.42
C ASP A 258 -6.56 -6.78 22.38
N VAL A 259 -7.30 -7.56 21.60
CA VAL A 259 -7.55 -8.95 21.91
C VAL A 259 -6.26 -9.75 22.04
N ILE A 260 -5.41 -9.67 21.01
CA ILE A 260 -4.21 -10.49 20.98
C ILE A 260 -3.18 -10.04 22.02
N TYR A 261 -3.00 -8.74 22.12
CA TYR A 261 -2.05 -8.24 23.13
C TYR A 261 -2.43 -8.67 24.52
N ASN A 262 -3.71 -8.54 24.86
CA ASN A 262 -4.12 -8.89 26.21
C ASN A 262 -4.04 -10.40 26.48
N GLU A 263 -4.26 -11.22 25.46
CA GLU A 263 -4.09 -12.65 25.58
C GLU A 263 -2.62 -12.99 25.89
N LEU A 264 -1.71 -12.34 25.21
CA LEU A 264 -0.28 -12.63 25.38
C LEU A 264 0.30 -12.02 26.65
N LYS A 265 -0.15 -10.82 26.99
CA LYS A 265 0.31 -10.15 28.20
C LYS A 265 -0.14 -10.97 29.38
N LEU A 266 -1.43 -11.34 29.38
CA LEU A 266 -1.99 -12.17 30.44
C LEU A 266 -1.36 -13.56 30.43
N GLU A 267 -0.93 -14.05 29.26
CA GLU A 267 -0.30 -15.38 29.17
C GLU A 267 1.07 -15.41 29.81
N PHE A 268 1.91 -14.44 29.43
CA PHE A 268 3.28 -14.38 29.92
C PHE A 268 3.46 -13.67 31.27
N LEU A 269 2.36 -13.17 31.84
CA LEU A 269 2.39 -12.55 33.18
C LEU A 269 1.70 -13.49 34.16
N GLY A 270 0.39 -13.66 33.98
CA GLY A 270 -0.40 -14.52 34.85
C GLY A 270 -1.89 -14.20 34.80
N MET B 1 -4.72 20.63 6.55
CA MET B 1 -5.32 20.59 5.17
C MET B 1 -4.32 20.11 4.15
N ASN B 2 -4.73 19.14 3.32
CA ASN B 2 -3.91 18.70 2.22
C ASN B 2 -4.70 18.82 0.92
N PHE B 3 -3.98 19.02 -0.16
CA PHE B 3 -4.54 19.21 -1.50
C PHE B 3 -4.24 18.06 -2.45
N PHE B 4 -5.22 17.78 -3.28
CA PHE B 4 -5.21 16.69 -4.26
C PHE B 4 -5.94 17.16 -5.50
N GLY B 5 -5.80 16.42 -6.60
CA GLY B 5 -6.59 16.74 -7.76
C GLY B 5 -6.44 15.79 -8.90
N LEU B 6 -7.08 16.14 -10.00
CA LEU B 6 -7.12 15.34 -11.21
C LEU B 6 -6.46 16.09 -12.35
N VAL B 7 -5.44 15.45 -12.95
CA VAL B 7 -4.71 16.03 -14.06
C VAL B 7 -5.17 15.44 -15.39
N GLY B 8 -5.56 16.31 -16.32
CA GLY B 8 -6.00 15.88 -17.65
C GLY B 8 -6.09 17.09 -18.53
N GLU B 9 -6.42 16.91 -19.79
CA GLU B 9 -6.44 18.05 -20.72
C GLU B 9 -7.75 18.84 -20.64
N LYS B 10 -8.87 18.11 -20.62
CA LYS B 10 -10.22 18.70 -20.55
C LYS B 10 -11.01 17.91 -19.53
N LEU B 11 -11.48 18.58 -18.49
CA LEU B 11 -12.10 17.96 -17.32
C LEU B 11 -13.44 18.55 -16.84
N SER B 12 -14.06 19.43 -17.61
N SER B 12 -14.06 19.39 -17.66
CA SER B 12 -15.31 20.09 -17.16
CA SER B 12 -15.31 20.07 -17.31
C SER B 12 -16.46 19.11 -16.82
C SER B 12 -16.32 19.23 -16.50
N HIS B 13 -16.32 17.86 -17.25
N HIS B 13 -16.72 18.10 -17.06
CA HIS B 13 -17.33 16.85 -17.03
CA HIS B 13 -17.72 17.26 -16.42
C HIS B 13 -17.10 15.98 -15.78
C HIS B 13 -17.16 16.00 -15.74
N SER B 14 -15.83 15.73 -15.49
N SER B 14 -16.03 16.13 -15.05
CA SER B 14 -15.41 14.86 -14.39
CA SER B 14 -15.50 14.98 -14.36
C SER B 14 -16.31 14.84 -13.14
C SER B 14 -16.27 14.86 -13.05
N VAL B 15 -16.58 13.64 -12.65
CA VAL B 15 -17.26 13.43 -11.38
C VAL B 15 -16.24 13.10 -10.28
N SER B 16 -14.96 12.99 -10.62
CA SER B 16 -13.95 12.65 -9.60
C SER B 16 -13.87 13.62 -8.42
N PRO B 17 -13.92 14.94 -8.66
CA PRO B 17 -13.86 15.78 -7.49
C PRO B 17 -15.02 15.55 -6.50
N GLN B 18 -16.22 15.28 -7.00
CA GLN B 18 -17.36 14.99 -6.12
C GLN B 18 -17.16 13.68 -5.37
N ILE B 19 -16.68 12.64 -6.05
CA ILE B 19 -16.44 11.37 -5.39
C ILE B 19 -15.43 11.55 -4.27
N HIS B 20 -14.27 12.16 -4.57
CA HIS B 20 -13.25 12.36 -3.55
C HIS B 20 -13.75 13.21 -2.37
N LYS B 21 -14.54 14.23 -2.66
N LYS B 21 -14.49 14.27 -2.66
CA LYS B 21 -15.16 15.06 -1.59
CA LYS B 21 -15.07 15.11 -1.61
C LYS B 21 -15.95 14.16 -0.65
C LYS B 21 -15.94 14.25 -0.68
N ARG B 22 -16.80 13.30 -1.21
N ARG B 22 -16.73 13.33 -1.25
CA ARG B 22 -17.59 12.37 -0.40
CA ARG B 22 -17.56 12.45 -0.43
C ARG B 22 -16.74 11.43 0.43
C ARG B 22 -16.75 11.43 0.40
N VAL B 23 -15.63 10.95 -0.13
CA VAL B 23 -14.76 10.04 0.62
C VAL B 23 -14.12 10.77 1.78
N PHE B 24 -13.63 11.99 1.55
CA PHE B 24 -13.05 12.77 2.63
C PHE B 24 -14.10 13.03 3.72
N GLU B 25 -15.33 13.29 3.31
CA GLU B 25 -16.37 13.58 4.29
C GLU B 25 -16.70 12.37 5.15
N ILE B 26 -16.86 11.20 4.52
N ILE B 26 -16.85 11.19 4.52
CA ILE B 26 -17.20 10.03 5.27
CA ILE B 26 -17.21 9.97 5.26
C ILE B 26 -16.09 9.62 6.25
C ILE B 26 -16.08 9.49 6.20
N LEU B 27 -14.83 9.82 5.84
CA LEU B 27 -13.66 9.49 6.67
C LEU B 27 -13.25 10.63 7.61
N ASN B 28 -13.98 11.74 7.57
CA ASN B 28 -13.69 12.90 8.44
C ASN B 28 -12.25 13.41 8.27
N ILE B 29 -11.82 13.52 7.02
CA ILE B 29 -10.46 13.92 6.68
C ILE B 29 -10.43 15.36 6.16
N GLU B 30 -9.45 16.14 6.66
N GLU B 30 -9.53 16.19 6.68
CA GLU B 30 -9.26 17.53 6.25
CA GLU B 30 -9.43 17.58 6.22
C GLU B 30 -8.43 17.58 4.96
C GLU B 30 -8.51 17.70 5.00
N SER B 31 -9.10 17.42 3.83
CA SER B 31 -8.43 17.46 2.56
C SER B 31 -9.40 17.97 1.54
N ALA B 32 -8.83 18.36 0.39
CA ALA B 32 -9.64 18.91 -0.70
C ALA B 32 -9.10 18.49 -2.05
N TYR B 33 -10.00 18.35 -3.03
CA TYR B 33 -9.66 17.83 -4.37
C TYR B 33 -10.29 18.68 -5.45
N LYS B 34 -9.48 19.09 -6.43
CA LYS B 34 -10.03 19.84 -7.55
C LYS B 34 -9.45 19.37 -8.88
N ASN B 35 -10.04 19.82 -9.97
CA ASN B 35 -9.48 19.55 -11.28
C ASN B 35 -8.25 20.41 -11.54
N PHE B 36 -7.27 19.81 -12.21
CA PHE B 36 -6.08 20.48 -12.69
C PHE B 36 -6.01 20.28 -14.22
N GLU B 37 -6.71 21.11 -14.97
CA GLU B 37 -6.61 21.06 -16.43
C GLU B 37 -5.24 21.58 -16.82
N ILE B 38 -4.52 20.83 -17.64
N ILE B 38 -4.53 20.78 -17.62
CA ILE B 38 -3.20 21.23 -18.08
CA ILE B 38 -3.15 21.06 -18.06
C ILE B 38 -3.04 20.84 -19.53
C ILE B 38 -3.07 20.82 -19.55
N SER B 39 -2.53 21.80 -20.30
CA SER B 39 -2.36 21.63 -21.73
C SER B 39 -1.18 20.69 -22.06
N LYS B 40 -1.18 20.14 -23.27
CA LYS B 40 -0.10 19.25 -23.66
C LYS B 40 1.28 19.91 -23.61
N GLU B 41 1.34 21.20 -23.92
N GLU B 41 1.36 21.20 -23.92
CA GLU B 41 2.60 21.94 -23.93
CA GLU B 41 2.63 21.90 -23.91
C GLU B 41 3.13 22.27 -22.53
C GLU B 41 3.18 22.10 -22.50
N ASP B 42 2.28 22.11 -21.52
CA ASP B 42 2.65 22.37 -20.12
C ASP B 42 2.84 21.15 -19.23
N ILE B 43 2.57 19.95 -19.74
CA ILE B 43 2.62 18.79 -18.85
C ILE B 43 4.03 18.53 -18.25
N SER B 44 5.08 18.95 -18.94
CA SER B 44 6.43 18.79 -18.41
C SER B 44 6.67 19.64 -17.16
N LYS B 45 5.77 20.59 -16.89
CA LYS B 45 5.92 21.46 -15.73
C LYS B 45 5.20 20.94 -14.48
N LEU B 46 4.40 19.90 -14.63
CA LEU B 46 3.58 19.42 -13.52
C LEU B 46 4.40 18.95 -12.33
N ASP B 47 5.43 18.13 -12.57
CA ASP B 47 6.15 17.56 -11.44
C ASP B 47 6.77 18.63 -10.53
N GLY B 48 7.30 19.68 -11.13
CA GLY B 48 7.93 20.75 -10.36
C GLY B 48 6.89 21.49 -9.54
N ALA B 49 5.71 21.70 -10.12
CA ALA B 49 4.63 22.43 -9.43
C ALA B 49 4.07 21.62 -8.27
N ILE B 50 3.87 20.31 -8.46
N ILE B 50 3.89 20.32 -8.48
CA ILE B 50 3.41 19.43 -7.37
CA ILE B 50 3.38 19.43 -7.42
C ILE B 50 4.36 19.51 -6.20
C ILE B 50 4.35 19.47 -6.22
N LYS B 51 5.64 19.34 -6.50
CA LYS B 51 6.66 19.38 -5.46
C LYS B 51 6.71 20.73 -4.78
N LEU B 52 6.68 21.81 -5.55
CA LEU B 52 6.81 23.14 -5.00
C LEU B 52 5.68 23.47 -4.01
N LEU B 53 4.47 23.16 -4.42
CA LEU B 53 3.28 23.52 -3.66
C LEU B 53 2.82 22.42 -2.71
N GLY B 54 3.54 21.30 -2.65
CA GLY B 54 3.17 20.25 -1.70
C GLY B 54 1.84 19.61 -1.93
N ILE B 55 1.49 19.41 -3.19
CA ILE B 55 0.26 18.72 -3.56
C ILE B 55 0.49 17.25 -3.25
N GLN B 56 -0.24 16.70 -2.27
CA GLN B 56 0.08 15.36 -1.79
C GLN B 56 -0.14 14.26 -2.81
N GLY B 57 -1.18 14.40 -3.59
CA GLY B 57 -1.46 13.38 -4.60
C GLY B 57 -2.28 13.88 -5.75
N VAL B 58 -2.12 13.27 -6.92
CA VAL B 58 -2.98 13.59 -8.04
C VAL B 58 -3.35 12.32 -8.75
N ASN B 59 -4.53 12.32 -9.33
CA ASN B 59 -4.87 11.33 -10.33
C ASN B 59 -4.48 11.87 -11.70
N VAL B 60 -4.29 10.96 -12.65
CA VAL B 60 -3.93 11.33 -14.02
C VAL B 60 -4.91 10.61 -14.92
N THR B 61 -5.48 11.36 -15.84
CA THR B 61 -6.38 10.78 -16.83
C THR B 61 -5.90 11.11 -18.25
N VAL B 62 -6.74 10.82 -19.22
CA VAL B 62 -6.36 11.03 -20.61
C VAL B 62 -6.00 12.50 -20.87
N PRO B 63 -4.98 12.77 -21.70
CA PRO B 63 -4.19 11.78 -22.45
C PRO B 63 -2.78 11.61 -21.91
N TYR B 64 -2.67 11.66 -20.58
CA TYR B 64 -1.35 11.72 -19.94
C TYR B 64 -0.92 10.51 -19.14
N LYS B 65 -1.69 9.43 -19.15
CA LYS B 65 -1.32 8.31 -18.29
C LYS B 65 0.02 7.67 -18.63
N GLU B 66 0.40 7.69 -19.89
CA GLU B 66 1.71 7.16 -20.30
C GLU B 66 2.81 8.22 -20.27
N ARG B 67 2.50 9.40 -20.81
N ARG B 67 2.51 9.39 -20.82
CA ARG B 67 3.48 10.49 -20.93
CA ARG B 67 3.47 10.49 -20.89
C ARG B 67 3.97 11.03 -19.59
C ARG B 67 4.03 10.88 -19.55
N ILE B 68 3.19 10.88 -18.53
CA ILE B 68 3.61 11.36 -17.23
C ILE B 68 4.68 10.49 -16.56
N MET B 69 4.81 9.23 -17.00
CA MET B 69 5.74 8.30 -16.33
C MET B 69 7.17 8.77 -16.28
N LYS B 70 7.65 9.41 -17.35
CA LYS B 70 9.06 9.84 -17.38
C LYS B 70 9.43 10.87 -16.32
N TYR B 71 8.41 11.51 -15.72
CA TYR B 71 8.64 12.56 -14.75
C TYR B 71 8.61 12.04 -13.33
N LEU B 72 8.35 10.75 -13.14
CA LEU B 72 8.26 10.19 -11.81
C LEU B 72 9.55 9.57 -11.32
N ASP B 73 9.73 9.52 -10.01
CA ASP B 73 10.90 8.97 -9.42
C ASP B 73 10.85 7.47 -9.23
N PHE B 74 9.66 6.96 -8.87
CA PHE B 74 9.46 5.55 -8.61
C PHE B 74 8.13 5.16 -9.19
N ILE B 75 8.08 4.00 -9.83
CA ILE B 75 6.87 3.45 -10.41
C ILE B 75 6.57 2.08 -9.81
N SER B 76 5.38 1.95 -9.25
CA SER B 76 4.97 0.70 -8.62
C SER B 76 4.92 -0.42 -9.67
N PRO B 77 5.24 -1.67 -9.31
CA PRO B 77 5.31 -2.74 -10.29
C PRO B 77 4.08 -2.96 -11.13
N GLU B 78 2.89 -2.81 -10.57
CA GLU B 78 1.68 -3.00 -11.38
C GLU B 78 1.57 -1.93 -12.47
N ALA B 79 2.03 -0.71 -12.19
CA ALA B 79 1.99 0.35 -13.18
C ALA B 79 3.03 0.12 -14.29
N LYS B 80 4.21 -0.35 -13.91
N LYS B 80 4.16 -0.48 -13.92
CA LYS B 80 5.22 -0.69 -14.90
CA LYS B 80 5.18 -0.86 -14.90
C LYS B 80 4.69 -1.75 -15.84
C LYS B 80 4.71 -2.05 -15.76
N ARG B 81 4.07 -2.78 -15.27
N ARG B 81 3.86 -2.92 -15.20
CA ARG B 81 3.53 -3.89 -16.04
CA ARG B 81 3.36 -4.11 -15.92
C ARG B 81 2.52 -3.44 -17.07
C ARG B 81 2.27 -3.72 -16.93
N ILE B 82 1.52 -2.69 -16.58
CA ILE B 82 0.39 -2.15 -17.39
C ILE B 82 0.94 -1.16 -18.42
N GLY B 83 1.96 -0.37 -18.04
CA GLY B 83 2.58 0.67 -18.87
C GLY B 83 1.91 2.06 -18.78
N ALA B 84 1.34 2.38 -17.62
CA ALA B 84 0.60 3.66 -17.44
C ALA B 84 0.42 3.90 -15.95
N VAL B 85 0.25 5.19 -15.61
CA VAL B 85 0.03 5.64 -14.25
C VAL B 85 -1.22 6.48 -14.16
N ASN B 86 -2.09 6.22 -13.18
CA ASN B 86 -3.25 7.09 -12.93
C ASN B 86 -3.30 7.68 -11.54
N THR B 87 -2.29 7.40 -10.71
CA THR B 87 -2.27 7.87 -9.30
C THR B 87 -0.83 8.21 -8.97
N ILE B 88 -0.59 9.43 -8.50
CA ILE B 88 0.74 9.89 -8.11
C ILE B 88 0.70 10.32 -6.64
N LEU B 89 1.74 9.97 -5.89
CA LEU B 89 1.90 10.33 -4.48
C LEU B 89 3.22 11.10 -4.33
N LEU B 90 3.19 12.23 -3.64
CA LEU B 90 4.37 13.02 -3.27
C LEU B 90 4.79 12.69 -1.84
N ARG B 91 6.02 12.23 -1.68
CA ARG B 91 6.61 12.01 -0.36
C ARG B 91 8.06 12.38 -0.39
N GLU B 92 8.44 13.23 0.56
CA GLU B 92 9.84 13.65 0.68
C GLU B 92 10.43 14.13 -0.65
N ASN B 93 9.64 14.95 -1.34
CA ASN B 93 10.01 15.60 -2.58
C ASN B 93 10.23 14.68 -3.78
N MET B 94 9.70 13.45 -3.66
N MET B 94 9.71 13.45 -3.68
CA MET B 94 9.78 12.44 -4.69
CA MET B 94 9.81 12.49 -4.77
C MET B 94 8.36 12.08 -5.13
C MET B 94 8.42 11.99 -5.11
N LEU B 95 8.23 11.68 -6.39
CA LEU B 95 6.94 11.26 -6.94
C LEU B 95 6.91 9.76 -7.22
N TYR B 96 5.87 9.11 -6.70
CA TYR B 96 5.61 7.67 -6.84
C TYR B 96 4.37 7.49 -7.67
N GLY B 97 4.47 6.66 -8.69
CA GLY B 97 3.37 6.36 -9.58
C GLY B 97 2.75 4.99 -9.37
N TYR B 98 1.42 4.93 -9.41
CA TYR B 98 0.64 3.72 -9.23
C TYR B 98 -0.44 3.66 -10.29
N ASN B 99 -1.04 2.49 -10.44
CA ASN B 99 -2.15 2.34 -11.37
C ASN B 99 -3.25 1.56 -10.74
N THR B 100 -4.38 2.20 -10.49
CA THR B 100 -5.50 1.50 -9.95
C THR B 100 -6.45 0.96 -11.05
N ASP B 101 -6.11 1.06 -12.34
CA ASP B 101 -7.03 0.58 -13.42
C ASP B 101 -7.34 -0.92 -13.38
N TYR B 102 -6.33 -1.77 -13.17
CA TYR B 102 -6.56 -3.22 -13.07
C TYR B 102 -7.46 -3.49 -11.87
N PHE B 103 -7.14 -2.88 -10.72
CA PHE B 103 -7.94 -3.06 -9.50
C PHE B 103 -9.42 -2.68 -9.67
N GLY B 104 -9.67 -1.51 -10.27
CA GLY B 104 -11.02 -1.02 -10.48
C GLY B 104 -11.82 -1.93 -11.42
N LEU B 105 -11.17 -2.44 -12.45
CA LEU B 105 -11.83 -3.35 -13.39
C LEU B 105 -12.23 -4.64 -12.65
N ASP B 106 -11.28 -5.19 -11.88
CA ASP B 106 -11.54 -6.41 -11.13
C ASP B 106 -12.77 -6.21 -10.24
N SER B 107 -12.78 -5.09 -9.54
CA SER B 107 -13.88 -4.71 -8.66
C SER B 107 -15.24 -4.65 -9.37
N MET B 108 -15.27 -3.94 -10.51
N MET B 108 -15.29 -3.93 -10.49
CA MET B 108 -16.45 -3.74 -11.36
CA MET B 108 -16.54 -3.80 -11.24
C MET B 108 -17.00 -5.07 -11.90
C MET B 108 -17.01 -5.15 -11.79
N PHE B 109 -16.10 -5.94 -12.34
CA PHE B 109 -16.47 -7.26 -12.88
C PHE B 109 -17.07 -8.15 -11.81
N LYS B 110 -16.50 -8.13 -10.61
CA LYS B 110 -17.05 -8.91 -9.50
C LYS B 110 -18.41 -8.40 -9.11
N MET B 111 -18.57 -7.09 -9.04
CA MET B 111 -19.84 -6.50 -8.64
C MET B 111 -20.93 -6.85 -9.65
N ALA B 112 -20.59 -6.82 -10.94
CA ALA B 112 -21.53 -7.12 -12.01
C ALA B 112 -21.67 -8.63 -12.26
N ASN B 113 -20.96 -9.45 -11.49
CA ASN B 113 -21.03 -10.91 -11.66
C ASN B 113 -20.68 -11.34 -13.08
N ILE B 114 -19.59 -10.80 -13.61
CA ILE B 114 -19.13 -11.15 -14.95
C ILE B 114 -17.80 -11.91 -14.84
N ASP B 115 -17.84 -13.20 -15.16
CA ASP B 115 -16.65 -14.05 -15.16
C ASP B 115 -16.17 -14.11 -16.59
N VAL B 116 -14.93 -13.71 -16.84
CA VAL B 116 -14.39 -13.68 -18.20
C VAL B 116 -13.69 -14.99 -18.60
N GLN B 117 -13.61 -15.92 -17.64
CA GLN B 117 -13.00 -17.24 -17.87
C GLN B 117 -13.52 -17.91 -19.14
N GLY B 118 -12.60 -18.26 -20.04
CA GLY B 118 -12.94 -18.95 -21.27
C GLY B 118 -13.81 -18.18 -22.26
N LYS B 119 -13.93 -16.87 -22.09
CA LYS B 119 -14.78 -16.08 -22.98
C LYS B 119 -14.00 -15.37 -24.08
N VAL B 120 -14.75 -14.72 -24.98
CA VAL B 120 -14.17 -13.96 -26.08
C VAL B 120 -14.52 -12.51 -25.81
N ALA B 121 -13.51 -11.64 -25.83
CA ALA B 121 -13.74 -10.22 -25.57
C ALA B 121 -13.00 -9.34 -26.55
N VAL B 122 -13.56 -8.15 -26.75
CA VAL B 122 -12.98 -7.14 -27.59
C VAL B 122 -12.86 -5.87 -26.76
N ILE B 123 -11.68 -5.28 -26.79
CA ILE B 123 -11.44 -3.99 -26.14
C ILE B 123 -11.38 -2.95 -27.25
N LEU B 124 -12.16 -1.88 -27.09
CA LEU B 124 -12.15 -0.77 -28.03
C LEU B 124 -11.20 0.29 -27.54
N GLY B 125 -10.15 0.58 -28.33
CA GLY B 125 -9.19 1.61 -28.02
C GLY B 125 -7.86 1.08 -27.51
N THR B 126 -6.84 1.94 -27.49
N THR B 126 -6.87 1.98 -27.52
CA THR B 126 -5.48 1.48 -27.12
CA THR B 126 -5.54 1.71 -27.02
C THR B 126 -4.71 2.30 -26.06
C THR B 126 -5.33 2.73 -25.92
N GLY B 127 -5.42 3.07 -25.24
N GLY B 127 -4.25 2.55 -25.15
CA GLY B 127 -4.77 3.89 -24.22
CA GLY B 127 -3.94 3.47 -24.07
C GLY B 127 -4.34 3.08 -23.00
C GLY B 127 -3.93 2.80 -22.71
N GLY B 128 -4.08 3.77 -21.89
N GLY B 128 -3.65 3.59 -21.69
CA GLY B 128 -3.67 3.09 -20.65
CA GLY B 128 -3.60 3.07 -20.32
C GLY B 128 -4.74 2.18 -20.09
C GLY B 128 -4.76 2.19 -19.92
N ALA B 129 -5.99 2.64 -20.17
CA ALA B 129 -7.18 1.87 -19.73
C ALA B 129 -7.28 0.55 -20.49
N SER B 130 -7.07 0.61 -21.80
CA SER B 130 -7.05 -0.55 -22.64
C SER B 130 -5.96 -1.54 -22.19
N LYS B 131 -4.79 -1.01 -21.82
CA LYS B 131 -3.67 -1.85 -21.39
C LYS B 131 -4.01 -2.59 -20.08
N ALA B 132 -4.69 -1.90 -19.18
CA ALA B 132 -5.11 -2.49 -17.91
C ALA B 132 -6.15 -3.57 -18.14
N ALA B 133 -7.10 -3.26 -19.03
CA ALA B 133 -8.14 -4.20 -19.38
C ALA B 133 -7.56 -5.44 -20.04
N LEU B 134 -6.61 -5.24 -20.95
CA LEU B 134 -5.92 -6.34 -21.58
C LEU B 134 -5.25 -7.21 -20.49
N THR B 135 -4.54 -6.55 -19.57
CA THR B 135 -3.84 -7.23 -18.49
C THR B 135 -4.83 -8.03 -17.62
N TYR B 136 -5.93 -7.39 -17.25
CA TYR B 136 -6.95 -8.04 -16.45
C TYR B 136 -7.57 -9.24 -17.16
N PHE B 137 -8.02 -9.05 -18.40
CA PHE B 137 -8.63 -10.15 -19.16
C PHE B 137 -7.70 -11.37 -19.30
N ILE B 138 -6.44 -11.13 -19.63
CA ILE B 138 -5.46 -12.22 -19.81
C ILE B 138 -5.21 -12.98 -18.51
N ASP B 139 -5.07 -12.24 -17.42
CA ASP B 139 -4.87 -12.87 -16.11
C ASP B 139 -6.08 -13.68 -15.68
N SER B 140 -7.26 -13.25 -16.12
CA SER B 140 -8.52 -13.91 -15.73
C SER B 140 -8.92 -15.09 -16.61
N GLY B 141 -8.04 -15.51 -17.52
CA GLY B 141 -8.31 -16.68 -18.35
C GLY B 141 -9.23 -16.47 -19.55
N ILE B 142 -9.16 -15.28 -20.15
CA ILE B 142 -9.93 -15.00 -21.35
C ILE B 142 -9.43 -15.96 -22.42
N GLU B 143 -10.35 -16.52 -23.20
CA GLU B 143 -9.98 -17.47 -24.25
C GLU B 143 -9.40 -16.74 -25.46
N LYS B 144 -10.11 -15.71 -25.91
CA LYS B 144 -9.73 -14.95 -27.10
C LYS B 144 -9.86 -13.46 -26.78
N LEU B 145 -8.81 -12.68 -27.04
CA LEU B 145 -8.84 -11.23 -26.79
C LEU B 145 -8.39 -10.41 -28.00
N TYR B 146 -9.26 -9.48 -28.43
CA TYR B 146 -8.95 -8.57 -29.51
C TYR B 146 -8.91 -7.14 -28.95
N VAL B 147 -8.07 -6.31 -29.54
CA VAL B 147 -8.02 -4.89 -29.20
C VAL B 147 -8.19 -4.16 -30.52
N SER B 148 -9.22 -3.33 -30.62
CA SER B 148 -9.53 -2.61 -31.86
C SER B 148 -9.01 -1.18 -31.86
N THR B 149 -8.37 -0.80 -32.96
CA THR B 149 -7.81 0.55 -33.12
C THR B 149 -8.21 1.09 -34.49
N ARG B 150 -8.24 2.42 -34.63
N ARG B 150 -8.21 2.41 -34.65
CA ARG B 150 -8.61 3.03 -35.91
CA ARG B 150 -8.61 3.00 -35.92
C ARG B 150 -7.57 2.72 -37.00
C ARG B 150 -7.57 2.75 -37.02
N LYS B 151 -6.30 2.69 -36.63
CA LYS B 151 -5.22 2.41 -37.57
C LYS B 151 -4.11 1.64 -36.87
N LYS B 152 -3.84 0.44 -37.36
CA LYS B 152 -2.83 -0.44 -36.76
C LYS B 152 -1.42 0.14 -36.78
N ASP B 153 -1.06 0.77 -37.90
CA ASP B 153 0.30 1.31 -38.12
C ASP B 153 1.35 0.34 -37.52
N ASP B 154 2.26 0.81 -36.67
CA ASP B 154 3.22 -0.12 -36.04
C ASP B 154 2.93 -0.33 -34.54
N LYS B 155 1.64 -0.32 -34.19
CA LYS B 155 1.23 -0.53 -32.80
C LYS B 155 1.53 -1.95 -32.34
N LYS B 156 2.05 -2.06 -31.12
CA LYS B 156 2.40 -3.34 -30.52
C LYS B 156 1.65 -3.48 -29.21
N LEU B 157 1.11 -4.66 -28.94
CA LEU B 157 0.39 -4.91 -27.70
C LEU B 157 1.34 -5.45 -26.64
N LEU B 158 0.92 -5.40 -25.39
CA LEU B 158 1.72 -5.89 -24.28
C LEU B 158 1.88 -7.41 -24.30
N ASN B 159 0.83 -8.10 -24.74
CA ASN B 159 0.83 -9.56 -24.80
C ASN B 159 0.48 -10.05 -26.21
N SER B 160 1.32 -10.91 -26.76
CA SER B 160 1.13 -11.47 -28.12
C SER B 160 -0.17 -12.27 -28.25
N LYS B 161 -0.74 -12.68 -27.12
CA LYS B 161 -2.00 -13.40 -27.12
C LYS B 161 -3.14 -12.51 -27.61
N ALA B 162 -3.04 -11.20 -27.37
CA ALA B 162 -4.06 -10.26 -27.82
C ALA B 162 -3.90 -9.99 -29.32
N ILE B 163 -5.02 -9.91 -30.03
CA ILE B 163 -4.99 -9.67 -31.47
C ILE B 163 -5.38 -8.23 -31.82
N LEU B 164 -4.48 -7.53 -32.49
CA LEU B 164 -4.74 -6.17 -32.90
C LEU B 164 -5.58 -6.19 -34.18
N ILE B 165 -6.71 -5.48 -34.15
CA ILE B 165 -7.60 -5.39 -35.30
C ILE B 165 -8.02 -3.95 -35.50
N ASP B 166 -8.63 -3.67 -36.66
CA ASP B 166 -9.20 -2.34 -36.91
C ASP B 166 -10.72 -2.49 -36.89
N TYR B 167 -11.43 -1.38 -36.96
CA TYR B 167 -12.89 -1.39 -36.85
C TYR B 167 -13.59 -2.06 -38.04
N GLU B 168 -12.86 -2.25 -39.15
CA GLU B 168 -13.39 -2.93 -40.32
C GLU B 168 -13.44 -4.42 -40.04
N GLU B 169 -12.34 -4.97 -39.52
CA GLU B 169 -12.27 -6.38 -39.17
C GLU B 169 -13.25 -6.71 -38.06
N LEU B 170 -13.49 -5.74 -37.18
CA LEU B 170 -14.39 -5.95 -36.06
C LEU B 170 -15.81 -6.29 -36.51
N LYS B 171 -16.17 -5.86 -37.72
CA LYS B 171 -17.50 -6.11 -38.26
C LYS B 171 -17.83 -7.60 -38.34
N HIS B 172 -16.79 -8.44 -38.46
CA HIS B 172 -16.98 -9.89 -38.58
C HIS B 172 -16.62 -10.68 -37.31
N ILE B 173 -16.43 -10.00 -36.20
CA ILE B 173 -16.11 -10.70 -34.94
C ILE B 173 -17.35 -10.83 -34.07
N LYS B 174 -17.55 -12.04 -33.55
CA LYS B 174 -18.65 -12.33 -32.64
C LYS B 174 -18.01 -12.77 -31.32
N GLY B 175 -18.48 -12.23 -30.21
CA GLY B 175 -17.93 -12.60 -28.90
C GLY B 175 -18.88 -12.39 -27.75
N ASP B 176 -18.36 -12.60 -26.54
CA ASP B 176 -19.13 -12.43 -25.32
C ASP B 176 -19.17 -11.00 -24.83
N ILE B 177 -17.99 -10.39 -24.70
CA ILE B 177 -17.84 -9.07 -24.12
C ILE B 177 -17.21 -8.03 -25.03
N ILE B 178 -17.79 -6.84 -25.06
CA ILE B 178 -17.18 -5.71 -25.75
C ILE B 178 -17.05 -4.60 -24.72
N LEU B 179 -15.82 -4.12 -24.56
CA LEU B 179 -15.48 -3.12 -23.57
C LEU B 179 -14.98 -1.84 -24.24
N ASN B 180 -15.62 -0.73 -23.92
CA ASN B 180 -15.22 0.56 -24.45
C ASN B 180 -14.18 1.26 -23.60
N ALA B 181 -12.95 1.33 -24.11
CA ALA B 181 -11.85 2.05 -23.44
C ALA B 181 -11.49 3.32 -24.21
N THR B 182 -12.39 3.79 -25.09
CA THR B 182 -12.16 5.01 -25.88
C THR B 182 -12.81 6.19 -25.16
N PRO B 183 -12.40 7.42 -25.51
CA PRO B 183 -13.04 8.58 -24.89
C PRO B 183 -14.38 8.93 -25.53
N VAL B 184 -14.89 8.09 -26.44
CA VAL B 184 -16.15 8.35 -27.11
C VAL B 184 -17.35 8.06 -26.20
N GLY B 185 -18.31 8.99 -26.19
CA GLY B 185 -19.54 8.84 -25.41
C GLY B 185 -19.65 9.72 -24.17
N MET B 186 -18.69 10.62 -23.96
CA MET B 186 -18.75 11.47 -22.76
C MET B 186 -19.36 12.86 -23.03
N TYR B 187 -19.31 13.72 -22.02
CA TYR B 187 -19.91 15.08 -22.00
C TYR B 187 -20.41 15.81 -23.28
N PRO B 188 -19.55 15.99 -24.32
CA PRO B 188 -20.11 16.75 -25.44
C PRO B 188 -21.15 15.99 -26.26
N ASN B 189 -20.70 14.98 -27.02
CA ASN B 189 -21.60 14.17 -27.85
C ASN B 189 -21.94 12.85 -27.19
N VAL B 190 -23.02 12.86 -26.40
CA VAL B 190 -23.49 11.65 -25.72
C VAL B 190 -24.33 10.75 -26.64
N GLY B 191 -24.66 11.25 -27.83
CA GLY B 191 -25.45 10.50 -28.79
C GLY B 191 -24.64 9.72 -29.82
N ILE B 192 -23.32 9.62 -29.61
CA ILE B 192 -22.43 8.88 -30.52
C ILE B 192 -21.73 7.71 -29.81
N SER B 193 -21.74 6.58 -30.49
CA SER B 193 -21.14 5.34 -30.01
C SER B 193 -19.87 5.04 -30.79
N PRO B 194 -18.85 4.47 -30.13
CA PRO B 194 -17.61 4.12 -30.85
C PRO B 194 -17.81 3.03 -31.89
N VAL B 195 -18.91 2.28 -31.78
CA VAL B 195 -19.21 1.22 -32.72
C VAL B 195 -20.68 1.24 -33.10
N SER B 196 -20.96 0.73 -34.28
CA SER B 196 -22.31 0.68 -34.79
C SER B 196 -23.16 -0.37 -34.10
N LYS B 197 -24.46 -0.22 -34.26
CA LYS B 197 -25.46 -1.14 -33.74
C LYS B 197 -25.20 -2.56 -34.26
N SER B 198 -24.74 -2.67 -35.51
CA SER B 198 -24.44 -3.96 -36.14
C SER B 198 -23.33 -4.73 -35.43
N ILE B 199 -22.35 -3.99 -34.92
CA ILE B 199 -21.24 -4.61 -34.18
C ILE B 199 -21.73 -4.96 -32.77
N ILE B 200 -22.46 -4.04 -32.15
CA ILE B 200 -22.99 -4.27 -30.81
C ILE B 200 -23.89 -5.51 -30.78
N GLN B 201 -24.60 -5.73 -31.87
CA GLN B 201 -25.47 -6.89 -31.95
C GLN B 201 -24.71 -8.22 -31.82
N ASN B 202 -23.41 -8.23 -32.13
CA ASN B 202 -22.61 -9.47 -32.08
C ASN B 202 -22.00 -9.82 -30.71
N PHE B 203 -22.40 -9.09 -29.66
CA PHE B 203 -21.88 -9.32 -28.31
C PHE B 203 -23.01 -9.47 -27.33
N ASP B 204 -22.75 -10.14 -26.22
CA ASP B 204 -23.73 -10.37 -25.15
C ASP B 204 -23.66 -9.37 -24.00
N ILE B 205 -22.45 -8.89 -23.73
CA ILE B 205 -22.20 -7.98 -22.59
C ILE B 205 -21.44 -6.75 -23.04
N LEU B 206 -21.94 -5.57 -22.68
CA LEU B 206 -21.26 -4.32 -22.98
C LEU B 206 -20.75 -3.70 -21.70
N ILE B 207 -19.47 -3.33 -21.68
CA ILE B 207 -18.90 -2.64 -20.54
C ILE B 207 -18.37 -1.30 -21.03
N ASP B 208 -18.85 -0.22 -20.42
CA ASP B 208 -18.38 1.10 -20.81
C ASP B 208 -17.64 1.72 -19.63
N LEU B 209 -16.37 2.08 -19.81
CA LEU B 209 -15.62 2.68 -18.70
C LEU B 209 -16.03 4.14 -18.48
N ILE B 210 -16.74 4.71 -19.44
CA ILE B 210 -17.22 6.08 -19.32
C ILE B 210 -18.42 6.13 -18.40
N TYR B 211 -18.55 7.23 -17.68
CA TYR B 211 -19.73 7.46 -16.87
C TYR B 211 -20.26 8.84 -17.17
N ASN B 212 -21.54 8.89 -17.51
CA ASN B 212 -22.24 10.15 -17.71
C ASN B 212 -23.67 9.97 -17.21
N PRO B 213 -24.12 10.88 -16.34
CA PRO B 213 -25.49 10.80 -15.83
C PRO B 213 -26.56 10.55 -16.90
N GLY B 214 -26.36 11.11 -18.10
CA GLY B 214 -27.34 10.97 -19.20
C GLY B 214 -27.29 9.68 -20.01
N GLU B 215 -26.38 8.78 -19.64
CA GLU B 215 -26.22 7.46 -20.29
C GLU B 215 -25.63 7.57 -21.70
N THR B 216 -24.59 6.77 -21.94
CA THR B 216 -23.91 6.77 -23.23
C THR B 216 -24.74 6.10 -24.32
N GLU B 217 -24.53 6.51 -25.57
CA GLU B 217 -25.23 5.92 -26.69
C GLU B 217 -24.87 4.44 -26.80
N PHE B 218 -23.60 4.13 -26.52
CA PHE B 218 -23.09 2.76 -26.54
C PHE B 218 -23.98 1.86 -25.68
N LEU B 219 -24.17 2.23 -24.41
CA LEU B 219 -25.01 1.43 -23.51
C LEU B 219 -26.50 1.59 -23.80
N ARG B 220 -26.87 2.76 -24.31
CA ARG B 220 -28.25 3.01 -24.66
C ARG B 220 -28.63 2.09 -25.81
N ILE B 221 -27.72 1.88 -26.76
CA ILE B 221 -27.95 0.95 -27.88
C ILE B 221 -27.99 -0.49 -27.37
N GLY B 222 -27.12 -0.81 -26.40
CA GLY B 222 -27.06 -2.15 -25.83
C GLY B 222 -28.32 -2.53 -25.07
N ASN B 223 -28.82 -1.60 -24.26
CA ASN B 223 -30.03 -1.84 -23.50
C ASN B 223 -31.25 -2.07 -24.38
N SER B 224 -31.28 -1.43 -25.54
CA SER B 224 -32.42 -1.57 -26.46
C SER B 224 -32.49 -2.98 -27.04
N MET B 225 -31.37 -3.70 -27.02
CA MET B 225 -31.32 -5.07 -27.51
C MET B 225 -31.39 -6.09 -26.37
N GLY B 226 -31.66 -5.62 -25.16
CA GLY B 226 -31.73 -6.49 -24.00
C GLY B 226 -30.38 -7.08 -23.62
N LYS B 227 -29.29 -6.46 -24.06
CA LYS B 227 -27.96 -6.95 -23.73
C LYS B 227 -27.63 -6.55 -22.31
N LYS B 228 -26.66 -7.25 -21.71
CA LYS B 228 -26.20 -6.91 -20.36
C LYS B 228 -25.27 -5.69 -20.50
N THR B 229 -25.53 -4.65 -19.71
CA THR B 229 -24.72 -3.44 -19.74
C THR B 229 -24.19 -3.05 -18.37
N CYS B 230 -23.06 -2.34 -18.36
CA CYS B 230 -22.44 -1.89 -17.13
C CYS B 230 -21.70 -0.59 -17.44
N ASP B 231 -21.97 0.47 -16.67
CA ASP B 231 -21.27 1.75 -16.87
C ASP B 231 -20.05 1.85 -15.97
N GLY B 232 -19.35 2.98 -16.06
CA GLY B 232 -18.09 3.09 -15.35
C GLY B 232 -18.12 3.60 -13.95
N LEU B 233 -19.31 3.92 -13.42
CA LEU B 233 -19.35 4.60 -12.11
C LEU B 233 -18.78 3.78 -10.96
N TYR B 234 -19.12 2.50 -10.88
CA TYR B 234 -18.61 1.71 -9.76
C TYR B 234 -17.09 1.70 -9.74
N MET B 235 -16.50 1.56 -10.92
CA MET B 235 -15.05 1.55 -11.06
C MET B 235 -14.49 2.90 -10.64
N LEU B 236 -15.14 3.98 -11.04
CA LEU B 236 -14.65 5.30 -10.66
C LEU B 236 -14.62 5.47 -9.13
N VAL B 237 -15.64 4.99 -8.44
CA VAL B 237 -15.67 5.11 -7.00
C VAL B 237 -14.60 4.21 -6.37
N GLY B 238 -14.48 2.99 -6.86
CA GLY B 238 -13.45 2.10 -6.31
C GLY B 238 -12.05 2.64 -6.51
N GLN B 239 -11.78 3.18 -7.69
CA GLN B 239 -10.45 3.77 -7.94
C GLN B 239 -10.19 4.97 -7.05
N ALA B 240 -11.21 5.77 -6.75
CA ALA B 240 -11.01 6.93 -5.88
C ALA B 240 -10.59 6.44 -4.48
N ILE B 241 -11.27 5.39 -4.00
CA ILE B 241 -11.00 4.84 -2.67
C ILE B 241 -9.60 4.22 -2.62
N LYS B 242 -9.23 3.47 -3.65
CA LYS B 242 -7.89 2.89 -3.70
C LYS B 242 -6.83 3.99 -3.71
N SER B 243 -7.08 5.06 -4.49
CA SER B 243 -6.15 6.17 -4.51
C SER B 243 -5.99 6.76 -3.09
N GLN B 244 -7.12 6.94 -2.40
N GLN B 244 -7.11 6.95 -2.38
CA GLN B 244 -7.09 7.46 -1.05
CA GLN B 244 -6.99 7.50 -1.03
C GLN B 244 -6.32 6.54 -0.09
C GLN B 244 -6.27 6.54 -0.08
N GLU B 245 -6.44 5.23 -0.28
CA GLU B 245 -5.71 4.29 0.55
C GLU B 245 -4.20 4.49 0.36
N ILE B 246 -3.80 4.66 -0.90
CA ILE B 246 -2.39 4.88 -1.23
C ILE B 246 -1.87 6.20 -0.66
N TRP B 247 -2.66 7.26 -0.83
CA TRP B 247 -2.26 8.59 -0.39
C TRP B 247 -2.11 8.68 1.12
N GLN B 248 -2.98 8.00 1.87
N GLN B 248 -3.03 8.00 1.82
CA GLN B 248 -2.92 8.04 3.35
CA GLN B 248 -3.11 7.97 3.30
C GLN B 248 -2.07 6.88 3.93
C GLN B 248 -2.35 6.77 3.94
N ASP B 249 -1.81 5.88 3.11
CA ASP B 249 -1.10 4.66 3.51
C ASP B 249 -1.92 3.92 4.58
N THR B 250 -3.23 3.86 4.37
CA THR B 250 -4.10 3.17 5.32
C THR B 250 -5.21 2.54 4.54
N LYS B 251 -5.77 1.45 5.05
CA LYS B 251 -6.86 0.76 4.39
C LYS B 251 -8.21 1.36 4.81
N ILE B 252 -9.13 1.39 3.86
CA ILE B 252 -10.47 1.92 4.02
C ILE B 252 -11.49 0.78 4.07
N ASP B 253 -12.43 0.90 5.01
CA ASP B 253 -13.47 -0.10 5.23
C ASP B 253 -14.17 -0.47 3.92
N ASN B 254 -14.34 -1.77 3.67
CA ASN B 254 -14.97 -2.29 2.43
C ASN B 254 -16.35 -1.75 2.15
N SER B 255 -17.10 -1.51 3.20
CA SER B 255 -18.47 -1.06 3.07
C SER B 255 -18.61 0.33 2.49
N ILE B 256 -17.54 1.13 2.55
CA ILE B 256 -17.60 2.51 2.08
C ILE B 256 -17.90 2.66 0.57
N LEU B 257 -17.31 1.80 -0.27
CA LEU B 257 -17.55 1.84 -1.69
C LEU B 257 -19.04 1.77 -2.05
N ASP B 258 -19.73 0.79 -1.49
CA ASP B 258 -21.16 0.64 -1.77
C ASP B 258 -21.95 1.82 -1.24
N VAL B 259 -21.60 2.30 -0.05
CA VAL B 259 -22.32 3.43 0.52
C VAL B 259 -22.16 4.65 -0.40
N ILE B 260 -20.93 4.91 -0.81
CA ILE B 260 -20.71 6.05 -1.66
C ILE B 260 -21.31 5.92 -3.06
N TYR B 261 -21.16 4.74 -3.66
CA TYR B 261 -21.71 4.49 -4.97
C TYR B 261 -23.24 4.61 -4.99
N ASN B 262 -23.91 4.01 -4.02
CA ASN B 262 -25.38 4.09 -3.99
C ASN B 262 -25.87 5.50 -3.75
N GLU B 263 -25.20 6.25 -2.87
CA GLU B 263 -25.61 7.61 -2.59
C GLU B 263 -25.37 8.49 -3.83
N LEU B 264 -24.26 8.27 -4.52
CA LEU B 264 -23.95 9.07 -5.73
C LEU B 264 -24.84 8.71 -6.89
N LYS B 265 -25.15 7.43 -7.03
CA LYS B 265 -25.99 6.94 -8.13
C LYS B 265 -27.39 7.57 -8.10
N LEU B 266 -27.80 8.09 -6.94
CA LEU B 266 -29.08 8.80 -6.82
C LEU B 266 -28.93 10.30 -7.12
N GLU B 267 -27.88 10.90 -6.57
CA GLU B 267 -27.60 12.35 -6.74
C GLU B 267 -27.62 12.82 -8.19
N PHE B 268 -27.09 12.01 -9.10
CA PHE B 268 -27.08 12.36 -10.51
C PHE B 268 -28.47 12.14 -11.11
N LEU B 269 -29.14 11.06 -10.69
CA LEU B 269 -30.49 10.75 -11.17
C LEU B 269 -31.14 9.65 -10.32
N GLY B 270 -32.47 9.64 -10.30
CA GLY B 270 -33.22 8.64 -9.52
C GLY B 270 -32.87 7.21 -9.91
S SO4 C . 18.97 -4.30 10.75
O1 SO4 C . 18.10 -5.48 10.89
O2 SO4 C . 19.36 -4.25 9.31
O3 SO4 C . 18.24 -3.06 11.01
O4 SO4 C . 20.16 -4.40 11.63
S SO4 D . -3.81 7.59 -22.14
O1 SO4 D . -5.10 6.89 -22.01
O2 SO4 D . -3.68 8.07 -23.55
O3 SO4 D . -3.69 8.76 -21.23
O4 SO4 D . -2.73 6.63 -21.87
S SO4 E . -8.01 3.88 -30.96
O1 SO4 E . -9.15 2.94 -31.00
O2 SO4 E . -8.02 4.67 -32.21
O3 SO4 E . -8.14 4.77 -29.80
O4 SO4 E . -6.73 3.13 -30.86
#